data_7Q07
#
_entry.id   7Q07
#
_cell.length_a   130.827
_cell.length_b   130.827
_cell.length_c   130.827
_cell.angle_alpha   90.000
_cell.angle_beta   90.000
_cell.angle_gamma   90.000
#
_symmetry.space_group_name_H-M   'I 2 3'
#
loop_
_entity.id
_entity.type
_entity.pdbx_description
1 polymer 'Ketol-Acid Reductoisomerase from Methanothermococcus thermolithotrophicus'
2 non-polymer 'L(+)-TARTARIC ACID'
3 non-polymer 'CHLORIDE ION'
4 non-polymer 1,2-ETHANEDIOL
5 non-polymer 'NADP NICOTINAMIDE-ADENINE-DINUCLEOTIDE PHOSPHATE'
6 water water
#
_entity_poly.entity_id   1
_entity_poly.type   'polypeptide(L)'
_entity_poly.pdbx_seq_one_letter_code
;MMKVFYDSDTTFDAVKDKTIAVIGYGSQGRAQSLNMKDSGLKVVVGLRPNGASWNKAKEDGHEVLSIEEAAEKADIIHIL
IPDEIQGDVYNKQIKPYLKEGKTLSFSHGYNIHYGYIVPPEGVNVVMVAPKSPGAMVRRTYEEGFGVPGLVCVEKDATGD
ALDIALGMAKGVGLTRAGVIQTTFREETETDLFGEQAVLCGGVTELIKAGFETLVEAGYSPEMAYFETCHELKLIIDLIY
QKGFAGMWNDVSNTAEYGGLTRRSRVINEQSRQEMRKILKEIQDGRFTKEWALENISGKAHLNSMRRIESELLIEEVGAK
LRKMCGLQKD
;
_entity_poly.pdbx_strand_id   A
#
loop_
_chem_comp.id
_chem_comp.type
_chem_comp.name
_chem_comp.formula
CL non-polymer 'CHLORIDE ION' 'Cl -1'
EDO non-polymer 1,2-ETHANEDIOL 'C2 H6 O2'
NAP non-polymer 'NADP NICOTINAMIDE-ADENINE-DINUCLEOTIDE PHOSPHATE' 'C21 H28 N7 O17 P3'
TLA non-polymer 'L(+)-TARTARIC ACID' 'C4 H6 O6'
#
# COMPACT_ATOMS: atom_id res chain seq x y z
N MET A 2 7.36 15.77 -9.96
CA MET A 2 7.81 15.33 -11.30
C MET A 2 6.71 15.60 -12.33
N LYS A 3 6.62 14.76 -13.36
CA LYS A 3 5.55 14.96 -14.36
C LYS A 3 4.28 14.26 -13.90
N VAL A 4 3.17 15.00 -13.92
CA VAL A 4 1.90 14.52 -13.41
C VAL A 4 0.93 14.35 -14.56
N PHE A 5 0.11 13.31 -14.50
CA PHE A 5 -0.98 13.09 -15.41
C PHE A 5 -2.29 13.41 -14.69
N TYR A 6 -3.14 14.20 -15.32
CA TYR A 6 -4.46 14.48 -14.77
C TYR A 6 -5.53 14.00 -15.74
N ASP A 7 -6.79 14.33 -15.44
CA ASP A 7 -7.90 13.91 -16.29
C ASP A 7 -7.75 14.46 -17.69
N SER A 8 -7.51 15.77 -17.81
CA SER A 8 -7.30 16.37 -19.13
C SER A 8 -6.16 15.72 -19.90
N ASP A 9 -5.26 15.02 -19.19
CA ASP A 9 -4.07 14.42 -19.85
C ASP A 9 -4.31 12.95 -20.23
N THR A 10 -5.46 12.38 -19.91
CA THR A 10 -5.64 10.95 -20.13
C THR A 10 -7.02 10.64 -20.69
N THR A 11 -7.11 9.51 -21.38
CA THR A 11 -8.34 9.02 -21.99
C THR A 11 -8.51 7.53 -21.68
N PHE A 12 -9.69 6.99 -22.01
CA PHE A 12 -9.97 5.57 -21.89
C PHE A 12 -9.78 4.81 -23.20
N ASP A 13 -8.97 5.34 -24.12
CA ASP A 13 -8.89 4.74 -25.46
C ASP A 13 -8.34 3.32 -25.39
N ALA A 14 -7.31 3.10 -24.56
CA ALA A 14 -6.64 1.80 -24.52
C ALA A 14 -7.38 0.77 -23.69
N VAL A 15 -8.31 1.20 -22.82
CA VAL A 15 -9.07 0.29 -21.98
C VAL A 15 -10.50 0.12 -22.46
N LYS A 16 -10.96 0.95 -23.38
CA LYS A 16 -12.33 0.97 -23.89
C LYS A 16 -12.96 -0.39 -24.20
N ASP A 17 -12.42 -1.10 -25.18
CA ASP A 17 -12.99 -2.36 -25.64
C ASP A 17 -12.26 -3.55 -25.04
N LYS A 18 -11.79 -3.41 -23.80
CA LYS A 18 -10.96 -4.42 -23.16
C LYS A 18 -11.59 -4.85 -21.84
N THR A 19 -11.48 -6.14 -21.54
CA THR A 19 -11.99 -6.69 -20.30
C THR A 19 -10.89 -6.69 -19.25
N ILE A 20 -11.19 -6.12 -18.08
CA ILE A 20 -10.23 -5.99 -16.99
C ILE A 20 -10.64 -6.95 -15.89
N ALA A 21 -9.75 -7.86 -15.53
CA ALA A 21 -9.95 -8.77 -14.41
C ALA A 21 -9.22 -8.21 -13.20
N VAL A 22 -9.96 -7.94 -12.12
CA VAL A 22 -9.38 -7.57 -10.84
C VAL A 22 -9.32 -8.86 -10.01
N ILE A 23 -8.11 -9.33 -9.74
CA ILE A 23 -7.90 -10.53 -8.93
C ILE A 23 -7.74 -10.09 -7.49
N GLY A 24 -8.76 -10.40 -6.67
CA GLY A 24 -8.72 -10.07 -5.26
C GLY A 24 -9.81 -9.09 -4.88
N TYR A 25 -10.42 -9.28 -3.71
CA TYR A 25 -11.45 -8.38 -3.21
C TYR A 25 -11.16 -7.99 -1.77
N GLY A 26 -9.95 -7.49 -1.54
CA GLY A 26 -9.62 -6.81 -0.30
C GLY A 26 -10.05 -5.36 -0.40
N SER A 27 -9.45 -4.53 0.46
CA SER A 27 -9.76 -3.11 0.44
C SER A 27 -9.49 -2.51 -0.93
N GLN A 28 -8.33 -2.84 -1.52
CA GLN A 28 -8.02 -2.32 -2.85
C GLN A 28 -8.78 -3.08 -3.93
N GLY A 29 -8.92 -4.39 -3.78
CA GLY A 29 -9.69 -5.15 -4.74
C GLY A 29 -11.07 -4.57 -4.95
N ARG A 30 -11.77 -4.32 -3.85
CA ARG A 30 -13.17 -3.83 -3.88
C ARG A 30 -13.19 -2.38 -4.41
N ALA A 31 -12.45 -1.47 -3.77
CA ALA A 31 -12.48 -0.06 -4.17
C ALA A 31 -12.13 0.15 -5.63
N GLN A 32 -11.06 -0.49 -6.11
CA GLN A 32 -10.62 -0.27 -7.48
C GLN A 32 -11.58 -0.91 -8.47
N SER A 33 -12.10 -2.09 -8.16
CA SER A 33 -13.00 -2.77 -9.08
C SER A 33 -14.27 -1.95 -9.29
N LEU A 34 -14.88 -1.50 -8.19
CA LEU A 34 -16.15 -0.72 -8.23
C LEU A 34 -15.95 0.60 -8.99
N ASN A 35 -14.82 1.27 -8.75
CA ASN A 35 -14.55 2.55 -9.40
C ASN A 35 -14.47 2.40 -10.92
N MET A 36 -13.67 1.44 -11.38
CA MET A 36 -13.52 1.23 -12.81
C MET A 36 -14.84 0.82 -13.45
N LYS A 37 -15.58 -0.10 -12.81
CA LYS A 37 -16.92 -0.42 -13.29
C LYS A 37 -17.80 0.83 -13.34
N ASP A 38 -17.78 1.63 -12.27
CA ASP A 38 -18.57 2.85 -12.24
C ASP A 38 -18.08 3.88 -13.25
N SER A 39 -16.83 3.77 -13.70
CA SER A 39 -16.30 4.68 -14.70
C SER A 39 -16.63 4.25 -16.12
N GLY A 40 -17.32 3.11 -16.28
CA GLY A 40 -17.68 2.61 -17.59
C GLY A 40 -16.85 1.45 -18.09
N LEU A 41 -15.81 1.06 -17.36
CA LEU A 41 -14.95 -0.02 -17.80
C LEU A 41 -15.58 -1.37 -17.54
N LYS A 42 -15.23 -2.34 -18.39
CA LYS A 42 -15.78 -3.70 -18.32
C LYS A 42 -14.92 -4.50 -17.36
N VAL A 43 -15.51 -4.88 -16.22
CA VAL A 43 -14.76 -5.48 -15.12
C VAL A 43 -15.36 -6.84 -14.78
N VAL A 44 -14.48 -7.81 -14.55
CA VAL A 44 -14.83 -9.07 -13.92
C VAL A 44 -13.87 -9.27 -12.76
N VAL A 45 -14.35 -9.94 -11.72
CA VAL A 45 -13.58 -10.12 -10.49
C VAL A 45 -13.31 -11.61 -10.31
N GLY A 46 -12.04 -11.99 -10.43
CA GLY A 46 -11.66 -13.38 -10.26
C GLY A 46 -11.23 -13.68 -8.84
N LEU A 47 -11.86 -14.69 -8.24
CA LEU A 47 -11.63 -15.03 -6.85
C LEU A 47 -11.61 -16.54 -6.69
N ARG A 48 -11.33 -17.00 -5.47
CA ARG A 48 -11.45 -18.42 -5.16
C ARG A 48 -12.92 -18.76 -4.90
N PRO A 49 -13.46 -19.81 -5.54
CA PRO A 49 -14.83 -20.21 -5.20
C PRO A 49 -15.02 -20.49 -3.72
N ASN A 50 -14.02 -21.13 -3.09
CA ASN A 50 -14.07 -21.48 -1.68
C ASN A 50 -13.47 -20.34 -0.83
N GLY A 51 -14.10 -19.16 -0.92
CA GLY A 51 -13.62 -18.01 -0.20
C GLY A 51 -14.75 -17.08 0.22
N ALA A 52 -14.42 -16.19 1.13
CA ALA A 52 -15.37 -15.23 1.73
C ALA A 52 -15.68 -14.09 0.78
N SER A 53 -14.64 -13.45 0.23
CA SER A 53 -14.76 -12.33 -0.73
C SER A 53 -15.57 -12.71 -1.98
N TRP A 54 -15.55 -13.96 -2.40
CA TRP A 54 -16.41 -14.45 -3.51
C TRP A 54 -17.87 -13.99 -3.33
N ASN A 55 -18.45 -14.17 -2.14
CA ASN A 55 -19.84 -13.80 -1.88
C ASN A 55 -20.02 -12.29 -1.74
N LYS A 56 -19.05 -11.61 -1.12
CA LYS A 56 -19.13 -10.15 -1.03
C LYS A 56 -19.05 -9.52 -2.42
N ALA A 57 -18.14 -10.00 -3.26
CA ALA A 57 -18.04 -9.46 -4.61
C ALA A 57 -19.34 -9.67 -5.40
N LYS A 58 -20.07 -10.75 -5.12
CA LYS A 58 -21.36 -10.95 -5.76
C LYS A 58 -22.40 -9.97 -5.23
N GLU A 59 -22.37 -9.70 -3.93
CA GLU A 59 -23.32 -8.77 -3.34
C GLU A 59 -23.23 -7.39 -3.97
N ASP A 60 -22.05 -7.02 -4.46
CA ASP A 60 -21.84 -5.71 -5.07
C ASP A 60 -22.18 -5.69 -6.55
N GLY A 61 -22.61 -6.81 -7.11
CA GLY A 61 -23.05 -6.83 -8.49
C GLY A 61 -21.96 -7.06 -9.52
N HIS A 62 -20.80 -7.55 -9.11
CA HIS A 62 -19.74 -7.84 -10.04
C HIS A 62 -19.94 -9.21 -10.70
N GLU A 63 -19.52 -9.30 -11.96
CA GLU A 63 -19.37 -10.59 -12.63
C GLU A 63 -18.23 -11.28 -11.91
N VAL A 64 -18.57 -12.25 -11.05
CA VAL A 64 -17.57 -12.93 -10.22
C VAL A 64 -17.21 -14.21 -10.95
N LEU A 65 -15.91 -14.46 -11.07
CA LEU A 65 -15.40 -15.61 -11.79
C LEU A 65 -14.33 -16.30 -10.96
N SER A 66 -13.90 -17.48 -11.43
CA SER A 66 -12.73 -18.12 -10.89
C SER A 66 -11.48 -17.42 -11.42
N ILE A 67 -10.38 -17.53 -10.67
CA ILE A 67 -9.16 -16.83 -11.06
C ILE A 67 -8.71 -17.28 -12.44
N GLU A 68 -8.80 -18.59 -12.72
CA GLU A 68 -8.51 -19.08 -14.05
C GLU A 68 -9.54 -18.58 -15.05
N GLU A 69 -10.82 -18.64 -14.67
CA GLU A 69 -11.88 -18.13 -15.54
C GLU A 69 -11.66 -16.66 -15.87
N ALA A 70 -11.30 -15.86 -14.86
CA ALA A 70 -11.08 -14.44 -15.09
C ALA A 70 -9.82 -14.20 -15.92
N ALA A 71 -8.74 -14.92 -15.61
CA ALA A 71 -7.51 -14.76 -16.38
C ALA A 71 -7.76 -15.04 -17.86
N GLU A 72 -8.58 -16.06 -18.16
CA GLU A 72 -8.83 -16.43 -19.55
C GLU A 72 -9.65 -15.37 -20.26
N LYS A 73 -10.71 -14.87 -19.61
CA LYS A 73 -11.62 -13.95 -20.28
C LYS A 73 -10.96 -12.60 -20.55
N ALA A 74 -10.13 -12.13 -19.63
CA ALA A 74 -9.71 -10.73 -19.64
C ALA A 74 -8.45 -10.53 -20.47
N ASP A 75 -8.33 -9.33 -21.01
CA ASP A 75 -7.09 -8.86 -21.65
C ASP A 75 -6.15 -8.21 -20.64
N ILE A 76 -6.70 -7.67 -19.55
CA ILE A 76 -5.95 -7.00 -18.50
C ILE A 76 -6.25 -7.73 -17.20
N ILE A 77 -5.21 -8.21 -16.53
CA ILE A 77 -5.34 -8.92 -15.26
C ILE A 77 -4.69 -8.06 -14.19
N HIS A 78 -5.52 -7.51 -13.31
CA HIS A 78 -5.06 -6.66 -12.20
C HIS A 78 -5.04 -7.51 -10.92
N ILE A 79 -3.85 -7.70 -10.36
CA ILE A 79 -3.64 -8.64 -9.26
C ILE A 79 -3.52 -7.83 -7.97
N LEU A 80 -4.56 -7.91 -7.14
CA LEU A 80 -4.56 -7.24 -5.84
C LEU A 80 -4.72 -8.28 -4.74
N ILE A 81 -3.73 -9.17 -4.59
CA ILE A 81 -3.68 -10.12 -3.49
C ILE A 81 -2.33 -9.94 -2.80
N PRO A 82 -2.15 -10.47 -1.59
CA PRO A 82 -0.91 -10.22 -0.86
C PRO A 82 0.32 -10.72 -1.62
N ASP A 83 1.40 -9.93 -1.52
CA ASP A 83 2.61 -10.23 -2.28
C ASP A 83 3.13 -11.63 -1.99
N GLU A 84 2.94 -12.11 -0.76
CA GLU A 84 3.57 -13.35 -0.32
C GLU A 84 2.89 -14.60 -0.87
N ILE A 85 1.77 -14.46 -1.58
CA ILE A 85 1.15 -15.57 -2.29
C ILE A 85 0.85 -15.26 -3.74
N GLN A 86 1.18 -14.06 -4.22
CA GLN A 86 0.97 -13.73 -5.62
C GLN A 86 1.67 -14.73 -6.54
N GLY A 87 2.96 -14.97 -6.28
CA GLY A 87 3.74 -15.83 -7.16
C GLY A 87 3.11 -17.21 -7.35
N ASP A 88 2.67 -17.83 -6.25
CA ASP A 88 2.09 -19.16 -6.35
C ASP A 88 0.77 -19.14 -7.09
N VAL A 89 -0.08 -18.14 -6.80
CA VAL A 89 -1.35 -18.03 -7.51
C VAL A 89 -1.12 -17.72 -8.98
N TYR A 90 -0.08 -16.95 -9.30
CA TYR A 90 0.16 -16.56 -10.68
C TYR A 90 0.61 -17.76 -11.51
N ASN A 91 1.68 -18.44 -11.07
CA ASN A 91 2.26 -19.50 -11.87
C ASN A 91 1.32 -20.69 -12.05
N LYS A 92 0.31 -20.82 -11.20
CA LYS A 92 -0.63 -21.94 -11.30
C LYS A 92 -1.91 -21.56 -12.03
N GLN A 93 -2.51 -20.42 -11.70
CA GLN A 93 -3.86 -20.10 -12.15
C GLN A 93 -3.97 -18.87 -13.03
N ILE A 94 -2.86 -18.25 -13.42
CA ILE A 94 -2.91 -17.07 -14.26
C ILE A 94 -2.03 -17.27 -15.48
N LYS A 95 -0.75 -17.58 -15.25
CA LYS A 95 0.20 -17.71 -16.34
C LYS A 95 -0.32 -18.59 -17.48
N PRO A 96 -0.98 -19.73 -17.24
CA PRO A 96 -1.42 -20.57 -18.37
C PRO A 96 -2.47 -19.91 -19.25
N TYR A 97 -3.27 -18.98 -18.72
CA TYR A 97 -4.36 -18.36 -19.47
C TYR A 97 -3.96 -17.03 -20.06
N LEU A 98 -2.67 -16.80 -20.22
CA LEU A 98 -2.14 -15.57 -20.81
C LEU A 98 -1.84 -15.80 -22.28
N LYS A 99 -1.86 -14.73 -23.05
CA LYS A 99 -1.58 -14.78 -24.48
C LYS A 99 -0.92 -13.46 -24.88
N GLU A 100 -0.22 -13.49 -26.02
CA GLU A 100 0.36 -12.27 -26.55
C GLU A 100 -0.73 -11.21 -26.69
N GLY A 101 -0.41 -9.99 -26.25
CA GLY A 101 -1.35 -8.89 -26.29
C GLY A 101 -1.96 -8.54 -24.94
N LYS A 102 -2.01 -9.49 -24.01
CA LYS A 102 -2.58 -9.22 -22.70
C LYS A 102 -1.64 -8.33 -21.88
N THR A 103 -2.16 -7.82 -20.77
CA THR A 103 -1.44 -6.92 -19.89
C THR A 103 -1.53 -7.44 -18.46
N LEU A 104 -0.41 -7.41 -17.76
CA LEU A 104 -0.33 -7.76 -16.35
C LEU A 104 -0.19 -6.48 -15.53
N SER A 105 -1.10 -6.27 -14.59
CA SER A 105 -1.16 -5.03 -13.83
C SER A 105 -1.13 -5.33 -12.34
N PHE A 106 -0.49 -4.44 -11.60
CA PHE A 106 -0.38 -4.55 -10.16
C PHE A 106 -0.57 -3.19 -9.52
N SER A 107 -0.82 -3.20 -8.21
CA SER A 107 -0.69 -2.01 -7.38
C SER A 107 0.62 -2.00 -6.60
N HIS A 108 1.40 -3.08 -6.69
CA HIS A 108 2.67 -3.19 -5.98
C HIS A 108 3.62 -4.01 -6.83
N GLY A 109 4.83 -3.50 -7.02
CA GLY A 109 5.81 -4.13 -7.88
C GLY A 109 6.72 -5.13 -7.22
N TYR A 110 6.37 -5.59 -6.02
CA TYR A 110 7.25 -6.46 -5.24
C TYR A 110 7.54 -7.76 -5.99
N ASN A 111 6.50 -8.40 -6.53
CA ASN A 111 6.69 -9.72 -7.11
C ASN A 111 7.38 -9.65 -8.47
N ILE A 112 7.02 -8.67 -9.30
CA ILE A 112 7.71 -8.49 -10.58
C ILE A 112 9.17 -8.17 -10.32
N HIS A 113 9.43 -7.24 -9.40
CA HIS A 113 10.78 -6.72 -9.23
C HIS A 113 11.74 -7.80 -8.73
N TYR A 114 11.26 -8.70 -7.89
CA TYR A 114 12.13 -9.71 -7.29
C TYR A 114 12.04 -11.05 -7.98
N GLY A 115 11.42 -11.10 -9.15
CA GLY A 115 11.43 -12.30 -9.97
C GLY A 115 10.47 -13.39 -9.56
N TYR A 116 9.58 -13.12 -8.59
CA TYR A 116 8.61 -14.12 -8.20
C TYR A 116 7.49 -14.28 -9.21
N ILE A 117 7.31 -13.30 -10.09
CA ILE A 117 6.39 -13.37 -11.21
C ILE A 117 7.17 -12.93 -12.43
N VAL A 118 7.38 -13.87 -13.35
CA VAL A 118 8.07 -13.58 -14.64
C VAL A 118 6.99 -13.65 -15.73
N PRO A 119 6.68 -12.54 -16.42
CA PRO A 119 5.63 -12.55 -17.43
C PRO A 119 6.04 -13.30 -18.70
N PRO A 120 5.06 -13.83 -19.48
CA PRO A 120 5.37 -14.50 -20.74
C PRO A 120 5.70 -13.45 -21.80
N GLU A 121 6.42 -13.83 -22.85
CA GLU A 121 6.77 -12.88 -23.94
C GLU A 121 5.49 -12.32 -24.58
N GLY A 122 5.50 -11.03 -24.93
CA GLY A 122 4.35 -10.40 -25.55
C GLY A 122 3.28 -9.93 -24.59
N VAL A 123 3.62 -9.86 -23.31
CA VAL A 123 2.62 -9.44 -22.28
C VAL A 123 3.10 -8.16 -21.59
N ASN A 124 2.23 -7.15 -21.51
CA ASN A 124 2.55 -5.89 -20.86
C ASN A 124 2.58 -6.07 -19.35
N VAL A 125 3.48 -5.35 -18.69
CA VAL A 125 3.56 -5.31 -17.24
C VAL A 125 3.47 -3.85 -16.83
N VAL A 126 2.39 -3.48 -16.14
CA VAL A 126 2.16 -2.11 -15.72
C VAL A 126 1.79 -2.11 -14.24
N MET A 127 1.75 -0.91 -13.67
CA MET A 127 1.34 -0.71 -12.28
C MET A 127 0.33 0.42 -12.21
N VAL A 128 -0.73 0.20 -11.44
CA VAL A 128 -1.73 1.22 -11.14
C VAL A 128 -1.83 1.23 -9.61
N ALA A 129 -1.13 2.17 -8.98
CA ALA A 129 -0.96 2.16 -7.52
C ALA A 129 -1.52 3.41 -6.87
N PRO A 130 -2.70 3.33 -6.26
CA PRO A 130 -3.17 4.46 -5.45
C PRO A 130 -2.31 4.63 -4.20
N LYS A 131 -2.19 5.88 -3.75
CA LYS A 131 -1.36 6.23 -2.56
C LYS A 131 -2.27 6.49 -1.35
N SER A 132 -3.42 5.82 -1.31
CA SER A 132 -4.38 5.93 -0.18
C SER A 132 -5.06 4.57 0.00
N PRO A 133 -5.61 4.25 1.19
CA PRO A 133 -6.26 2.96 1.42
C PRO A 133 -7.57 2.82 0.61
N GLY A 134 -7.94 1.57 0.31
CA GLY A 134 -9.14 1.25 -0.49
C GLY A 134 -10.36 2.05 -0.07
N ALA A 135 -10.58 2.19 1.24
CA ALA A 135 -11.74 2.94 1.74
C ALA A 135 -11.74 4.35 1.19
N MET A 136 -10.59 5.02 1.21
CA MET A 136 -10.51 6.38 0.68
C MET A 136 -10.58 6.38 -0.84
N VAL A 137 -9.93 5.40 -1.48
CA VAL A 137 -10.01 5.28 -2.93
C VAL A 137 -11.46 5.32 -3.38
N ARG A 138 -12.28 4.44 -2.82
CA ARG A 138 -13.69 4.38 -3.18
C ARG A 138 -14.42 5.65 -2.78
N ARG A 139 -14.20 6.12 -1.56
CA ARG A 139 -14.97 7.25 -1.03
C ARG A 139 -14.74 8.50 -1.86
N THR A 140 -13.48 8.87 -2.09
CA THR A 140 -13.20 10.06 -2.89
C THR A 140 -13.80 9.95 -4.28
N TYR A 141 -13.76 8.74 -4.86
CA TYR A 141 -14.34 8.55 -6.19
C TYR A 141 -15.85 8.75 -6.17
N GLU A 142 -16.52 8.34 -5.10
CA GLU A 142 -17.94 8.59 -4.97
C GLU A 142 -18.27 10.07 -4.96
N GLU A 143 -17.32 10.91 -4.55
CA GLU A 143 -17.55 12.33 -4.33
C GLU A 143 -17.08 13.18 -5.49
N GLY A 144 -16.79 12.58 -6.65
CA GLY A 144 -16.35 13.32 -7.81
C GLY A 144 -14.89 13.69 -7.82
N PHE A 145 -14.18 13.37 -6.75
CA PHE A 145 -12.70 13.54 -6.68
C PHE A 145 -12.09 12.14 -6.62
N GLY A 146 -10.77 12.04 -6.42
CA GLY A 146 -10.11 10.73 -6.30
C GLY A 146 -8.97 10.83 -5.30
N VAL A 147 -7.97 9.94 -5.41
CA VAL A 147 -6.80 9.96 -4.50
C VAL A 147 -5.52 9.90 -5.35
N PRO A 148 -4.44 10.62 -4.98
CA PRO A 148 -3.19 10.61 -5.75
C PRO A 148 -2.67 9.17 -5.96
N GLY A 149 -2.20 8.86 -7.17
CA GLY A 149 -1.72 7.50 -7.46
C GLY A 149 -0.40 7.49 -8.21
N LEU A 150 0.12 6.29 -8.43
CA LEU A 150 1.35 6.02 -9.14
C LEU A 150 1.07 5.11 -10.32
N VAL A 151 1.84 5.31 -11.40
CA VAL A 151 1.72 4.52 -12.61
C VAL A 151 3.12 4.11 -13.04
N CYS A 152 3.25 2.89 -13.57
CA CYS A 152 4.55 2.40 -14.00
C CYS A 152 4.38 1.48 -15.19
N VAL A 153 5.43 1.41 -16.00
CA VAL A 153 5.51 0.47 -17.12
C VAL A 153 6.80 -0.32 -16.94
N GLU A 154 6.67 -1.62 -16.70
CA GLU A 154 7.82 -2.51 -16.59
C GLU A 154 8.15 -3.22 -17.89
N LYS A 155 7.12 -3.57 -18.68
CA LYS A 155 7.31 -4.17 -19.99
C LYS A 155 6.25 -3.62 -20.92
N ASP A 156 6.69 -3.02 -22.03
CA ASP A 156 5.79 -2.48 -23.05
C ASP A 156 5.87 -3.40 -24.26
N ALA A 157 5.16 -4.51 -24.18
CA ALA A 157 5.15 -5.46 -25.30
C ALA A 157 4.34 -4.92 -26.46
N THR A 158 3.09 -4.51 -26.20
CA THR A 158 2.14 -4.21 -27.27
C THR A 158 2.19 -2.76 -27.74
N GLY A 159 2.65 -1.83 -26.91
CA GLY A 159 2.83 -0.44 -27.31
C GLY A 159 1.96 0.55 -26.53
N ASP A 160 0.79 0.10 -26.06
CA ASP A 160 -0.09 0.94 -25.28
C ASP A 160 -0.09 0.56 -23.80
N ALA A 161 1.06 0.11 -23.29
CA ALA A 161 1.15 -0.25 -21.89
C ALA A 161 0.90 0.94 -21.00
N LEU A 162 1.60 2.06 -21.25
CA LEU A 162 1.39 3.26 -20.46
C LEU A 162 -0.06 3.75 -20.58
N ASP A 163 -0.61 3.73 -21.78
CA ASP A 163 -2.00 4.17 -21.97
C ASP A 163 -2.97 3.25 -21.26
N ILE A 164 -2.71 1.94 -21.27
CA ILE A 164 -3.56 1.01 -20.54
C ILE A 164 -3.52 1.32 -19.05
N ALA A 165 -2.33 1.59 -18.53
CA ALA A 165 -2.20 1.90 -17.10
C ALA A 165 -2.84 3.23 -16.77
N LEU A 166 -2.67 4.23 -17.63
CA LEU A 166 -3.32 5.52 -17.41
C LEU A 166 -4.82 5.41 -17.59
N GLY A 167 -5.28 4.55 -18.49
CA GLY A 167 -6.71 4.32 -18.62
C GLY A 167 -7.29 3.69 -17.37
N MET A 168 -6.58 2.71 -16.80
CA MET A 168 -7.02 2.13 -15.54
C MET A 168 -6.98 3.15 -14.42
N ALA A 169 -5.92 3.97 -14.38
CA ALA A 169 -5.85 5.02 -13.38
C ALA A 169 -6.97 6.05 -13.58
N LYS A 170 -7.35 6.29 -14.83
CA LYS A 170 -8.45 7.21 -15.11
C LYS A 170 -9.78 6.62 -14.64
N GLY A 171 -9.95 5.31 -14.71
CA GLY A 171 -11.17 4.69 -14.23
C GLY A 171 -11.22 4.52 -12.73
N VAL A 172 -10.05 4.31 -12.10
CA VAL A 172 -10.01 4.23 -10.65
C VAL A 172 -10.24 5.61 -10.03
N GLY A 173 -9.91 6.67 -10.76
CA GLY A 173 -10.09 8.01 -10.28
C GLY A 173 -8.83 8.70 -9.80
N LEU A 174 -7.70 7.99 -9.81
CA LEU A 174 -6.44 8.59 -9.40
C LEU A 174 -6.12 9.82 -10.24
N THR A 175 -6.52 9.80 -11.51
CA THR A 175 -6.15 10.89 -12.41
C THR A 175 -6.75 12.22 -11.99
N ARG A 176 -7.87 12.20 -11.25
CA ARG A 176 -8.47 13.45 -10.81
C ARG A 176 -7.57 14.19 -9.83
N ALA A 177 -6.86 13.46 -8.98
CA ALA A 177 -5.93 14.06 -8.04
C ALA A 177 -4.53 14.22 -8.59
N GLY A 178 -4.16 13.42 -9.58
CA GLY A 178 -2.82 13.49 -10.17
C GLY A 178 -2.13 12.14 -10.06
N VAL A 179 -1.53 11.71 -11.16
CA VAL A 179 -0.85 10.43 -11.25
C VAL A 179 0.61 10.69 -11.61
N ILE A 180 1.52 10.01 -10.90
CA ILE A 180 2.98 10.15 -11.15
C ILE A 180 3.52 8.84 -11.74
N GLN A 181 4.40 8.94 -12.74
CA GLN A 181 5.03 7.80 -13.40
C GLN A 181 6.38 7.57 -12.75
N THR A 182 6.53 6.42 -12.11
CA THR A 182 7.81 6.01 -11.53
C THR A 182 8.10 4.62 -12.08
N THR A 183 8.99 3.89 -11.42
CA THR A 183 9.38 2.56 -11.87
C THR A 183 9.02 1.52 -10.83
N PHE A 184 8.88 0.28 -11.31
CA PHE A 184 8.58 -0.83 -10.41
C PHE A 184 9.64 -0.94 -9.31
N ARG A 185 10.90 -0.71 -9.66
CA ARG A 185 11.96 -0.79 -8.66
C ARG A 185 11.85 0.35 -7.67
N GLU A 186 11.55 1.56 -8.15
CA GLU A 186 11.49 2.71 -7.26
C GLU A 186 10.28 2.62 -6.34
N GLU A 187 9.13 2.19 -6.85
CA GLU A 187 7.97 2.02 -5.98
C GLU A 187 8.26 0.99 -4.90
N THR A 188 8.85 -0.13 -5.30
CA THR A 188 9.08 -1.24 -4.38
C THR A 188 10.06 -0.84 -3.28
N GLU A 189 11.25 -0.43 -3.68
CA GLU A 189 12.32 -0.11 -2.70
C GLU A 189 11.90 1.02 -1.74
N THR A 190 11.35 2.11 -2.26
CA THR A 190 10.95 3.19 -1.35
C THR A 190 9.78 2.77 -0.47
N ASP A 191 8.88 1.92 -0.98
CA ASP A 191 7.78 1.43 -0.16
C ASP A 191 8.29 0.57 0.98
N LEU A 192 9.17 -0.37 0.68
CA LEU A 192 9.73 -1.24 1.72
C LEU A 192 10.53 -0.42 2.74
N PHE A 193 11.31 0.53 2.25
CA PHE A 193 12.16 1.35 3.15
C PHE A 193 11.28 2.20 4.09
N GLY A 194 10.26 2.84 3.53
CA GLY A 194 9.34 3.70 4.30
C GLY A 194 8.66 2.95 5.42
N GLU A 195 8.04 1.83 5.09
CA GLU A 195 7.29 1.02 6.09
C GLU A 195 8.24 0.52 7.18
N GLN A 196 9.42 0.11 6.80
CA GLN A 196 10.41 -0.46 7.74
C GLN A 196 11.11 0.64 8.57
N ALA A 197 11.68 1.64 7.91
CA ALA A 197 12.51 2.63 8.62
C ALA A 197 11.69 3.72 9.32
N VAL A 198 10.55 4.12 8.76
CA VAL A 198 9.79 5.27 9.32
C VAL A 198 8.30 4.98 9.54
N LEU A 199 7.56 4.66 8.47
CA LEU A 199 6.08 4.59 8.51
C LEU A 199 5.55 3.60 9.57
N CYS A 200 6.09 2.40 9.64
CA CYS A 200 5.53 1.42 10.61
C CYS A 200 6.57 1.08 11.66
N GLY A 201 7.75 0.62 11.23
CA GLY A 201 8.79 0.28 12.17
C GLY A 201 9.29 1.48 12.95
N GLY A 202 9.77 2.48 12.22
CA GLY A 202 10.40 3.61 12.87
C GLY A 202 9.56 4.23 13.97
N VAL A 203 8.31 4.60 13.65
CA VAL A 203 7.54 5.41 14.57
C VAL A 203 7.07 4.59 15.78
N THR A 204 6.79 3.31 15.59
CA THR A 204 6.32 2.50 16.72
C THR A 204 7.44 2.28 17.73
N GLU A 205 8.67 2.08 17.25
CA GLU A 205 9.80 2.02 18.16
C GLU A 205 10.05 3.37 18.82
N LEU A 206 9.85 4.46 18.09
CA LEU A 206 9.95 5.79 18.68
C LEU A 206 8.91 5.97 19.79
N ILE A 207 7.66 5.59 19.51
CA ILE A 207 6.59 5.74 20.51
C ILE A 207 6.85 4.83 21.69
N LYS A 208 7.33 3.61 21.44
CA LYS A 208 7.65 2.69 22.53
C LYS A 208 8.71 3.28 23.45
N ALA A 209 9.77 3.85 22.87
CA ALA A 209 10.89 4.34 23.67
C ALA A 209 10.46 5.52 24.54
N GLY A 210 9.73 6.47 23.95
CA GLY A 210 9.25 7.60 24.74
C GLY A 210 8.31 7.17 25.84
N PHE A 211 7.39 6.26 25.51
CA PHE A 211 6.45 5.76 26.52
C PHE A 211 7.18 5.02 27.62
N GLU A 212 8.09 4.11 27.24
CA GLU A 212 8.83 3.35 28.24
C GLU A 212 9.75 4.24 29.06
N THR A 213 10.26 5.33 28.47
CA THR A 213 11.05 6.28 29.24
C THR A 213 10.23 6.90 30.37
N LEU A 214 9.05 7.42 30.02
CA LEU A 214 8.19 8.04 31.03
C LEU A 214 7.78 7.04 32.09
N VAL A 215 7.33 5.85 31.67
CA VAL A 215 6.81 4.88 32.62
C VAL A 215 7.89 4.42 33.58
N GLU A 216 9.09 4.15 33.07
CA GLU A 216 10.17 3.71 33.93
C GLU A 216 10.62 4.82 34.87
N ALA A 217 10.30 6.07 34.57
CA ALA A 217 10.63 7.19 35.43
C ALA A 217 9.55 7.49 36.46
N GLY A 218 8.50 6.67 36.52
CA GLY A 218 7.46 6.84 37.51
C GLY A 218 6.26 7.65 37.07
N TYR A 219 6.23 8.05 35.80
CA TYR A 219 5.09 8.84 35.29
C TYR A 219 3.89 7.91 35.05
N SER A 220 2.70 8.45 35.21
CA SER A 220 1.44 7.67 34.99
C SER A 220 1.40 7.10 33.57
N PRO A 221 1.14 5.79 33.39
CA PRO A 221 1.07 5.20 32.05
C PRO A 221 0.06 5.94 31.16
N GLU A 222 -1.08 6.33 31.74
CA GLU A 222 -2.14 7.07 31.01
C GLU A 222 -1.56 8.37 30.44
N MET A 223 -0.88 9.16 31.28
CA MET A 223 -0.27 10.43 30.85
C MET A 223 0.82 10.16 29.82
N ALA A 224 1.59 9.08 30.01
CA ALA A 224 2.68 8.72 29.08
C ALA A 224 2.07 8.39 27.72
N TYR A 225 0.96 7.64 27.69
CA TYR A 225 0.32 7.31 26.40
C TYR A 225 -0.08 8.59 25.68
N PHE A 226 -0.65 9.54 26.41
CA PHE A 226 -1.11 10.80 25.80
C PHE A 226 0.04 11.55 25.11
N GLU A 227 1.17 11.73 25.81
CA GLU A 227 2.23 12.58 25.33
C GLU A 227 3.22 11.88 24.41
N THR A 228 3.14 10.56 24.27
CA THR A 228 4.02 9.81 23.37
C THR A 228 3.28 9.09 22.26
N CYS A 229 1.95 9.02 22.30
CA CYS A 229 1.20 8.31 21.28
C CYS A 229 -0.02 9.12 20.83
N HIS A 230 -0.98 9.28 21.73
CA HIS A 230 -2.27 9.87 21.38
C HIS A 230 -2.11 11.21 20.68
N GLU A 231 -1.32 12.11 21.26
CA GLU A 231 -1.18 13.45 20.73
C GLU A 231 -0.48 13.49 19.38
N LEU A 232 0.28 12.45 19.06
CA LEU A 232 1.08 12.45 17.85
C LEU A 232 0.22 12.70 16.61
N LYS A 233 -1.00 12.14 16.58
CA LYS A 233 -1.88 12.34 15.43
C LYS A 233 -2.03 13.81 15.10
N LEU A 234 -2.11 14.67 16.13
CA LEU A 234 -2.27 16.10 15.90
C LEU A 234 -1.12 16.64 15.05
N ILE A 235 0.12 16.24 15.39
CA ILE A 235 1.27 16.82 14.71
C ILE A 235 1.34 16.35 13.26
N ILE A 236 1.13 15.05 13.07
CA ILE A 236 1.20 14.41 11.72
C ILE A 236 0.16 15.06 10.80
N ASP A 237 -1.07 15.23 11.29
CA ASP A 237 -2.12 15.86 10.50
C ASP A 237 -1.69 17.25 10.06
N LEU A 238 -0.99 17.97 10.93
CA LEU A 238 -0.49 19.29 10.55
C LEU A 238 0.59 19.19 9.49
N ILE A 239 1.53 18.25 9.64
CA ILE A 239 2.55 18.04 8.61
C ILE A 239 1.90 17.57 7.32
N TYR A 240 0.93 16.66 7.44
CA TYR A 240 0.25 16.13 6.25
C TYR A 240 -0.37 17.26 5.44
N GLN A 241 -0.92 18.28 6.10
CA GLN A 241 -1.65 19.35 5.42
C GLN A 241 -0.78 20.56 5.11
N LYS A 242 0.12 20.94 6.02
CA LYS A 242 0.85 22.21 5.90
C LYS A 242 2.35 22.03 5.87
N GLY A 243 2.86 20.81 5.97
CA GLY A 243 4.29 20.60 5.98
C GLY A 243 4.92 20.95 7.32
N PHE A 244 6.24 20.76 7.37
CA PHE A 244 6.98 21.00 8.60
C PHE A 244 6.80 22.44 9.06
N ALA A 245 7.07 23.41 8.19
CA ALA A 245 7.00 24.82 8.59
C ALA A 245 5.60 25.16 9.09
N GLY A 246 4.57 24.61 8.43
CA GLY A 246 3.21 24.85 8.89
C GLY A 246 2.94 24.24 10.25
N MET A 247 3.53 23.10 10.54
CA MET A 247 3.35 22.48 11.86
C MET A 247 4.00 23.33 12.94
N TRP A 248 5.26 23.72 12.73
CA TRP A 248 5.98 24.47 13.76
C TRP A 248 5.25 25.77 14.09
N ASN A 249 4.67 26.42 13.08
CA ASN A 249 3.92 27.65 13.32
C ASN A 249 2.63 27.39 14.07
N ASP A 250 2.08 26.18 13.98
CA ASP A 250 0.80 25.86 14.60
C ASP A 250 0.95 25.23 15.98
N VAL A 251 2.17 25.13 16.50
CA VAL A 251 2.42 24.62 17.84
C VAL A 251 3.03 25.75 18.67
N SER A 252 3.06 25.54 19.98
CA SER A 252 3.61 26.54 20.89
C SER A 252 5.10 26.72 20.65
N ASN A 253 5.58 27.93 20.95
CA ASN A 253 7.01 28.20 20.78
C ASN A 253 7.85 27.32 21.70
N THR A 254 7.33 27.00 22.88
CA THR A 254 8.03 26.07 23.76
C THR A 254 8.15 24.69 23.13
N ALA A 255 7.06 24.22 22.51
CA ALA A 255 7.13 22.93 21.80
C ALA A 255 8.03 23.03 20.58
N GLU A 256 8.04 24.18 19.91
CA GLU A 256 8.89 24.34 18.73
C GLU A 256 10.37 24.35 19.12
N TYR A 257 10.73 25.20 20.08
CA TYR A 257 12.13 25.23 20.53
C TYR A 257 12.56 23.87 21.06
N GLY A 258 11.72 23.25 21.88
CA GLY A 258 12.06 21.94 22.42
C GLY A 258 12.31 20.92 21.33
N GLY A 259 11.44 20.89 20.32
CA GLY A 259 11.61 19.92 19.25
C GLY A 259 12.84 20.16 18.41
N LEU A 260 13.15 21.43 18.12
CA LEU A 260 14.25 21.73 17.22
C LEU A 260 15.60 21.49 17.86
N THR A 261 15.69 21.53 19.20
CA THR A 261 16.98 21.41 19.86
C THR A 261 17.24 20.02 20.43
N ARG A 262 16.22 19.20 20.59
CA ARG A 262 16.38 17.86 21.15
C ARG A 262 16.28 16.74 20.11
N ARG A 263 15.75 17.01 18.93
CA ARG A 263 15.41 15.93 18.02
C ARG A 263 16.64 15.26 17.40
N SER A 264 17.72 16.02 17.18
CA SER A 264 18.93 15.41 16.65
C SER A 264 19.54 14.42 17.64
N ARG A 265 19.13 14.49 18.90
CA ARG A 265 19.64 13.59 19.93
C ARG A 265 18.91 12.26 19.96
N VAL A 266 17.72 12.18 19.38
CA VAL A 266 16.93 10.96 19.38
C VAL A 266 17.26 10.09 18.17
N ILE A 267 17.31 10.70 16.99
CA ILE A 267 17.75 10.02 15.78
C ILE A 267 19.22 10.36 15.62
N ASN A 268 20.08 9.50 16.17
CA ASN A 268 21.52 9.75 16.18
C ASN A 268 22.15 9.26 14.87
N GLU A 269 23.46 9.44 14.77
CA GLU A 269 24.19 8.96 13.59
C GLU A 269 24.04 7.45 13.44
N GLN A 270 24.00 6.72 14.55
CA GLN A 270 23.82 5.27 14.49
C GLN A 270 22.50 4.92 13.83
N SER A 271 21.44 5.69 14.10
CA SER A 271 20.16 5.42 13.45
C SER A 271 20.27 5.62 11.95
N ARG A 272 21.02 6.63 11.52
CA ARG A 272 21.14 6.94 10.10
C ARG A 272 22.02 5.92 9.39
N GLN A 273 23.05 5.42 10.06
CA GLN A 273 23.88 4.36 9.48
C GLN A 273 23.08 3.08 9.32
N GLU A 274 22.19 2.79 10.28
CA GLU A 274 21.38 1.58 10.19
C GLU A 274 20.28 1.73 9.15
N MET A 275 19.79 2.95 8.94
CA MET A 275 18.84 3.19 7.86
C MET A 275 19.46 2.89 6.51
N ARG A 276 20.76 3.14 6.35
CA ARG A 276 21.44 2.83 5.10
C ARG A 276 21.55 1.32 4.91
N LYS A 277 21.80 0.57 5.99
CA LYS A 277 21.86 -0.88 5.87
C LYS A 277 20.48 -1.46 5.58
N ILE A 278 19.45 -0.93 6.23
CA ILE A 278 18.08 -1.36 5.96
C ILE A 278 17.76 -1.16 4.49
N LEU A 279 18.22 -0.06 3.90
CA LEU A 279 17.97 0.16 2.48
C LEU A 279 18.76 -0.81 1.63
N LYS A 280 20.03 -1.04 1.96
CA LYS A 280 20.84 -1.96 1.16
C LYS A 280 20.31 -3.39 1.25
N GLU A 281 19.78 -3.77 2.42
CA GLU A 281 19.17 -5.10 2.54
C GLU A 281 17.93 -5.22 1.67
N ILE A 282 17.19 -4.12 1.48
CA ILE A 282 16.08 -4.14 0.55
C ILE A 282 16.57 -4.15 -0.89
N GLN A 283 17.59 -3.34 -1.19
CA GLN A 283 18.09 -3.24 -2.55
C GLN A 283 18.60 -4.59 -3.06
N ASP A 284 19.46 -5.25 -2.29
CA ASP A 284 20.11 -6.48 -2.74
C ASP A 284 19.28 -7.73 -2.49
N GLY A 285 18.03 -7.58 -2.07
CA GLY A 285 17.13 -8.72 -1.99
C GLY A 285 17.24 -9.56 -0.74
N ARG A 286 18.03 -9.13 0.25
CA ARG A 286 18.16 -9.93 1.47
C ARG A 286 16.87 -9.89 2.29
N PHE A 287 16.18 -8.76 2.29
CA PHE A 287 14.93 -8.69 3.03
C PHE A 287 13.86 -9.58 2.39
N THR A 288 13.75 -9.50 1.06
CA THR A 288 12.82 -10.36 0.33
C THR A 288 13.10 -11.83 0.63
N LYS A 289 14.37 -12.23 0.63
CA LYS A 289 14.71 -13.59 1.00
C LYS A 289 14.22 -13.91 2.40
N GLU A 290 14.47 -13.00 3.34
CA GLU A 290 14.09 -13.24 4.73
C GLU A 290 12.58 -13.32 4.88
N TRP A 291 11.84 -12.43 4.21
CA TRP A 291 10.38 -12.45 4.28
C TRP A 291 9.82 -13.72 3.63
N ALA A 292 10.45 -14.18 2.55
CA ALA A 292 9.97 -15.40 1.90
C ALA A 292 10.19 -16.61 2.80
N LEU A 293 11.37 -16.72 3.41
CA LEU A 293 11.64 -17.83 4.31
C LEU A 293 10.77 -17.77 5.55
N GLU A 294 10.33 -16.58 5.94
CA GLU A 294 9.41 -16.47 7.07
C GLU A 294 8.12 -17.23 6.78
N ASN A 295 7.52 -17.00 5.62
CA ASN A 295 6.31 -17.72 5.24
C ASN A 295 6.59 -19.20 5.05
N ILE A 296 7.71 -19.54 4.41
CA ILE A 296 8.01 -20.95 4.14
C ILE A 296 8.18 -21.72 5.43
N SER A 297 8.71 -21.09 6.47
CA SER A 297 8.97 -21.76 7.73
C SER A 297 7.79 -21.71 8.69
N GLY A 298 6.65 -21.19 8.26
CA GLY A 298 5.45 -21.22 9.08
C GLY A 298 5.15 -19.98 9.89
N LYS A 299 5.88 -18.89 9.65
CA LYS A 299 5.59 -17.61 10.31
C LYS A 299 5.64 -17.72 11.83
N ALA A 300 6.53 -18.58 12.33
CA ALA A 300 6.69 -18.71 13.78
C ALA A 300 7.29 -17.45 14.38
N HIS A 301 8.37 -16.94 13.77
CA HIS A 301 8.97 -15.70 14.23
C HIS A 301 7.95 -14.55 14.21
N LEU A 302 7.19 -14.45 13.12
CA LEU A 302 6.22 -13.36 12.98
C LEU A 302 5.08 -13.49 13.99
N ASN A 303 4.64 -14.70 14.29
CA ASN A 303 3.53 -14.87 15.22
C ASN A 303 3.99 -14.65 16.67
N SER A 304 5.24 -14.98 16.98
CA SER A 304 5.76 -14.71 18.31
C SER A 304 5.86 -13.20 18.53
N MET A 305 6.41 -12.47 17.56
CA MET A 305 6.48 -11.02 17.66
C MET A 305 5.09 -10.41 17.84
N ARG A 306 4.10 -10.95 17.13
CA ARG A 306 2.73 -10.46 17.24
C ARG A 306 2.23 -10.60 18.67
N ARG A 307 2.39 -11.79 19.26
CA ARG A 307 1.98 -12.02 20.64
C ARG A 307 2.70 -11.08 21.59
N ILE A 308 4.01 -10.87 21.37
CA ILE A 308 4.76 -9.97 22.24
C ILE A 308 4.24 -8.54 22.10
N GLU A 309 3.94 -8.13 20.88
CA GLU A 309 3.41 -6.79 20.66
C GLU A 309 2.08 -6.60 21.38
N SER A 310 1.24 -7.64 21.37
CA SER A 310 -0.06 -7.56 22.03
C SER A 310 0.04 -7.58 23.55
N GLU A 311 1.18 -7.98 24.09
CA GLU A 311 1.38 -8.02 25.53
C GLU A 311 2.03 -6.75 26.06
N LEU A 312 2.20 -5.73 25.22
CA LEU A 312 2.86 -4.50 25.64
C LEU A 312 1.97 -3.70 26.60
N LEU A 313 2.61 -3.01 27.54
CA LEU A 313 1.86 -2.13 28.43
C LEU A 313 1.19 -1.00 27.66
N ILE A 314 1.87 -0.49 26.63
CA ILE A 314 1.30 0.62 25.86
C ILE A 314 -0.01 0.18 25.21
N GLU A 315 -0.13 -1.10 24.87
CA GLU A 315 -1.37 -1.61 24.30
C GLU A 315 -2.49 -1.58 25.33
N GLU A 316 -2.22 -2.08 26.53
CA GLU A 316 -3.26 -2.16 27.55
C GLU A 316 -3.71 -0.77 28.00
N VAL A 317 -2.78 0.18 28.06
CA VAL A 317 -3.15 1.52 28.51
C VAL A 317 -3.89 2.26 27.41
N GLY A 318 -3.44 2.12 26.16
CA GLY A 318 -4.14 2.74 25.05
C GLY A 318 -5.55 2.22 24.88
N ALA A 319 -5.78 0.93 25.17
CA ALA A 319 -7.10 0.36 25.04
C ALA A 319 -8.07 0.98 26.05
N LYS A 320 -7.59 1.17 27.28
CA LYS A 320 -8.43 1.78 28.34
C LYS A 320 -8.73 3.24 27.99
N LEU A 321 -7.72 3.98 27.52
CA LEU A 321 -7.91 5.38 27.16
C LEU A 321 -8.80 5.50 25.93
N ARG A 322 -8.54 4.70 24.89
CA ARG A 322 -9.41 4.71 23.72
C ARG A 322 -10.83 4.27 24.09
N LYS A 323 -10.96 3.43 25.12
CA LYS A 323 -12.31 2.97 25.57
C LYS A 323 -13.07 4.15 26.19
N MET A 324 -12.39 4.91 27.05
CA MET A 324 -12.98 6.09 27.73
C MET A 324 -13.40 7.12 26.67
N CYS A 325 -12.48 7.41 25.74
CA CYS A 325 -12.68 8.39 24.64
C CYS A 325 -13.88 7.99 23.78
N GLY A 326 -14.00 6.69 23.51
CA GLY A 326 -15.06 6.17 22.62
C GLY A 326 -14.47 5.95 21.25
N LEU A 327 -13.13 6.03 21.16
CA LEU A 327 -12.40 5.82 19.89
C LEU A 327 -12.47 4.33 19.54
N GLN A 328 -12.25 3.47 20.53
CA GLN A 328 -12.31 2.01 20.34
C GLN A 328 -13.63 1.50 20.94
O1 TLA B . -0.74 -3.34 0.99
O11 TLA B . -2.39 -3.78 2.38
C1 TLA B . -1.95 -3.31 1.31
C2 TLA B . -2.93 -2.66 0.36
O2 TLA B . -2.29 -2.48 -0.92
C3 TLA B . -3.39 -1.32 0.92
O3 TLA B . -3.51 -0.33 -0.10
C4 TLA B . -4.74 -1.51 1.59
O4 TLA B . -5.67 -0.72 1.33
O41 TLA B . -4.87 -2.47 2.38
CL CL C . -20.03 1.23 -2.26
C1 EDO D . 17.04 -14.84 5.67
O1 EDO D . 18.25 -15.43 5.21
C2 EDO D . 16.74 -15.29 7.11
O2 EDO D . 15.61 -16.17 7.12
PA NAP E . -6.55 -10.81 2.46
O1A NAP E . -6.10 -12.01 3.20
O2A NAP E . -7.98 -10.45 2.85
O5B NAP E . -6.49 -11.01 0.86
C5B NAP E . -7.11 -10.03 -0.01
C4B NAP E . -7.77 -10.79 -1.14
O4B NAP E . -6.86 -11.80 -1.63
C3B NAP E . -9.06 -11.50 -0.77
O3B NAP E . -10.05 -11.30 -1.77
C2B NAP E . -8.64 -12.97 -0.66
O2B NAP E . -9.70 -13.89 -1.01
C1B NAP E . -7.53 -13.05 -1.69
N9A NAP E . -6.57 -14.11 -1.43
C8A NAP E . -5.71 -14.21 -0.37
N7A NAP E . -4.96 -15.27 -0.39
C5A NAP E . -5.34 -15.93 -1.55
C6A NAP E . -4.92 -17.13 -2.14
N6A NAP E . -3.97 -17.91 -1.64
N1A NAP E . -5.51 -17.50 -3.31
C2A NAP E . -6.44 -16.70 -3.83
N3A NAP E . -6.93 -15.55 -3.35
C4A NAP E . -6.33 -15.22 -2.21
O3 NAP E . -5.61 -9.57 2.78
PN NAP E . -5.56 -8.04 2.33
O1N NAP E . -4.42 -7.37 2.98
O2N NAP E . -5.36 -7.95 0.81
O5D NAP E . -6.95 -7.35 2.72
C5D NAP E . -7.25 -5.95 2.63
P2B NAP E . -10.42 -14.85 0.01
O1X NAP E . -11.61 -14.23 0.56
O2X NAP E . -9.43 -15.18 1.05
O3X NAP E . -10.72 -16.09 -0.73
CL CL F . -1.77 -14.12 9.02
CL CL G . 28.32 4.26 6.52
#